data_1TYX
#
_entry.id   1TYX
#
_cell.length_a   120.900
_cell.length_b   120.900
_cell.length_c   120.900
_cell.angle_alpha   90.00
_cell.angle_beta   90.00
_cell.angle_gamma   90.00
#
_symmetry.space_group_name_H-M   'P 21 3'
#
loop_
_entity.id
_entity.type
_entity.pdbx_description
1 polymer 'TAILSPIKE PROTEIN'
2 branched alpha-D-galactopyranose-(1-2)-[alpha-D-Abequopyranose-(1-3)]alpha-D-mannopyranose-(1-4)-alpha-L-rhamnopyranose-(1-3)-alpha-D-galactopyranose-(1-2)-[alpha-D-Abequopyranose-(1-3)]alpha-D-mannopyranose-(1-4)-alpha-L-rhamnopyranose
3 water water
#
_entity_poly.entity_id   1
_entity_poly.type   'polypeptide(L)'
_entity_poly.pdbx_seq_one_letter_code
;YSIEADKKFKYSVKLSDYPTLQDAASAAVDGLLIDRDYNFYGGETVDFGGKVLTIECKAKFIGDGNLIFTKLGKGSRIAG
VFMESTTTPWVIKPWTDDNQWLTDAAAVVATLKQSKTDGYQPTVSDYVKFPGIETLLPPNAKGQNITSTLEIRECIGVEV
HRASGLMAGFLFRGCHFCKMVDANNPSGGKDGIITFENLSGDWGKGNYVIGGRTSYGSVSSAQFLRNNGGFERDGGVIGF
TSYRAGESGVKTWQGTVGSTTSRNYNLQFRDSVVIYPVWDGFDLGADTDMNPELDRPGDYPITQYPLHQLPLNHLIDNLL
VRGALGVGFGMDGKGMYVSNITVEDCAGSGAYLLTHESVFTNIAIIDTNTKDFQANQIYISGACRVNGLRLIGIRSTDGQ
GLTIDAPNSTVSGITGMVDPSRINVANLAEEGLGNIRANSFGYDSAAIKLRIHKLSKTLDSGALYSHINGGAGSGSAYTQ
LTAISGSTPDAVSLKVNHKDCRGAEIPFVPDIASDDFIKDSSCFLPYWENNSTSLKALVKKPNGELVRLTLATL
;
_entity_poly.pdbx_strand_id   A
#
# COMPACT_ATOMS: atom_id res chain seq x y z
N TYR A 1 -36.08 32.60 -43.09
CA TYR A 1 -36.00 31.51 -42.12
C TYR A 1 -34.55 31.19 -41.72
N SER A 2 -33.65 31.18 -42.69
CA SER A 2 -32.24 30.89 -42.42
C SER A 2 -31.70 31.77 -41.31
N ILE A 3 -32.09 33.05 -41.34
CA ILE A 3 -31.65 34.02 -40.34
C ILE A 3 -32.15 33.60 -38.97
N GLU A 4 -33.41 33.18 -38.92
CA GLU A 4 -34.06 32.75 -37.72
C GLU A 4 -33.48 31.43 -37.22
N ALA A 5 -33.35 30.46 -38.13
CA ALA A 5 -32.81 29.15 -37.79
C ALA A 5 -31.39 29.26 -37.25
N ASP A 6 -30.56 30.10 -37.87
CA ASP A 6 -29.18 30.28 -37.43
C ASP A 6 -29.07 30.79 -36.01
N LYS A 7 -30.11 31.48 -35.56
CA LYS A 7 -30.12 32.03 -34.20
C LYS A 7 -30.85 31.20 -33.16
N LYS A 8 -31.65 30.23 -33.58
CA LYS A 8 -32.41 29.48 -32.60
C LYS A 8 -32.03 28.02 -32.40
N PHE A 9 -31.12 27.52 -33.20
CA PHE A 9 -30.69 26.13 -33.09
C PHE A 9 -29.26 25.93 -32.59
N LYS A 10 -29.08 24.84 -31.85
CA LYS A 10 -27.78 24.44 -31.30
C LYS A 10 -26.87 23.94 -32.44
N TYR A 11 -25.65 24.46 -32.50
CA TYR A 11 -24.70 24.05 -33.54
C TYR A 11 -23.94 22.79 -33.21
N SER A 12 -23.93 21.85 -34.16
CA SER A 12 -23.22 20.58 -34.01
C SER A 12 -22.99 19.96 -35.38
N VAL A 13 -21.78 19.47 -35.63
CA VAL A 13 -21.47 18.77 -36.87
C VAL A 13 -21.30 17.30 -36.47
N LYS A 14 -21.58 16.39 -37.40
CA LYS A 14 -21.46 14.97 -37.13
C LYS A 14 -20.51 14.32 -38.12
N LEU A 15 -19.67 13.43 -37.61
CA LEU A 15 -18.66 12.73 -38.39
C LEU A 15 -19.20 12.02 -39.64
N SER A 16 -20.45 11.58 -39.61
CA SER A 16 -21.03 10.88 -40.76
C SER A 16 -21.08 11.75 -42.02
N ASP A 17 -20.97 13.07 -41.85
CA ASP A 17 -21.01 14.00 -42.98
C ASP A 17 -19.64 14.30 -43.55
N TYR A 18 -18.58 13.73 -42.96
CA TYR A 18 -17.23 14.01 -43.42
C TYR A 18 -16.40 12.77 -43.67
N PRO A 19 -15.41 12.90 -44.57
CA PRO A 19 -14.53 11.77 -44.89
C PRO A 19 -13.45 11.56 -43.84
N THR A 20 -13.03 12.63 -43.20
CA THR A 20 -11.99 12.53 -42.19
C THR A 20 -12.39 13.27 -40.93
N LEU A 21 -11.70 12.97 -39.83
CA LEU A 21 -11.98 13.62 -38.56
C LEU A 21 -11.53 15.10 -38.62
N GLN A 22 -10.45 15.40 -39.33
CA GLN A 22 -9.99 16.78 -39.45
C GLN A 22 -11.03 17.66 -40.16
N ASP A 23 -11.68 17.10 -41.18
CA ASP A 23 -12.70 17.86 -41.91
C ASP A 23 -13.84 18.22 -40.96
N ALA A 24 -14.24 17.26 -40.12
CA ALA A 24 -15.29 17.46 -39.13
C ALA A 24 -14.84 18.52 -38.13
N ALA A 25 -13.60 18.40 -37.64
CA ALA A 25 -13.03 19.32 -36.67
C ALA A 25 -13.00 20.74 -37.24
N SER A 26 -12.64 20.86 -38.52
CA SER A 26 -12.59 22.17 -39.17
C SER A 26 -13.96 22.83 -39.28
N ALA A 27 -15.01 22.03 -39.46
CA ALA A 27 -16.37 22.57 -39.59
C ALA A 27 -17.04 22.86 -38.25
N ALA A 28 -16.58 22.21 -37.18
CA ALA A 28 -17.19 22.38 -35.86
C ALA A 28 -17.14 23.78 -35.28
N VAL A 29 -18.21 24.15 -34.57
CA VAL A 29 -18.35 25.46 -33.94
C VAL A 29 -18.60 25.33 -32.42
N ASP A 30 -19.47 24.41 -32.05
CA ASP A 30 -19.86 24.20 -30.67
C ASP A 30 -19.79 22.71 -30.40
N GLY A 31 -20.70 21.95 -30.97
CA GLY A 31 -20.69 20.52 -30.76
C GLY A 31 -20.13 19.71 -31.91
N LEU A 32 -19.63 18.52 -31.58
CA LEU A 32 -19.09 17.59 -32.55
C LEU A 32 -19.55 16.19 -32.11
N LEU A 33 -20.36 15.55 -32.95
CA LEU A 33 -20.90 14.22 -32.68
C LEU A 33 -20.18 13.13 -33.45
N ILE A 34 -19.66 12.13 -32.74
CA ILE A 34 -18.98 11.02 -33.39
C ILE A 34 -20.06 9.96 -33.50
N ASP A 35 -20.69 9.91 -34.67
CA ASP A 35 -21.80 9.01 -34.89
C ASP A 35 -21.53 7.84 -35.82
N ARG A 36 -20.28 7.61 -36.18
CA ARG A 36 -19.94 6.47 -37.02
C ARG A 36 -18.55 6.03 -36.61
N ASP A 37 -18.28 4.74 -36.68
CA ASP A 37 -16.96 4.23 -36.31
C ASP A 37 -15.95 4.87 -37.22
N TYR A 38 -14.78 5.15 -36.65
CA TYR A 38 -13.75 5.80 -37.43
C TYR A 38 -12.44 5.08 -37.26
N ASN A 39 -11.90 4.59 -38.38
CA ASN A 39 -10.64 3.90 -38.37
C ASN A 39 -9.55 4.93 -38.56
N PHE A 40 -8.66 5.06 -37.58
CA PHE A 40 -7.60 6.03 -37.69
C PHE A 40 -6.27 5.31 -37.89
N TYR A 41 -5.29 6.00 -38.46
CA TYR A 41 -3.97 5.40 -38.61
C TYR A 41 -3.10 5.96 -37.48
N GLY A 42 -2.17 5.16 -37.00
CA GLY A 42 -1.28 5.60 -35.93
C GLY A 42 -0.59 6.92 -36.26
N GLY A 43 -0.73 7.88 -35.36
CA GLY A 43 -0.12 9.19 -35.57
C GLY A 43 -1.05 10.19 -36.21
N GLU A 44 -2.27 9.79 -36.56
CA GLU A 44 -3.23 10.70 -37.17
C GLU A 44 -3.47 11.85 -36.18
N THR A 45 -3.20 13.08 -36.64
CA THR A 45 -3.32 14.27 -35.80
C THR A 45 -4.45 15.20 -36.22
N VAL A 46 -5.27 15.62 -35.26
CA VAL A 46 -6.39 16.51 -35.54
C VAL A 46 -6.16 17.84 -34.83
N ASP A 47 -6.30 18.93 -35.58
CA ASP A 47 -6.11 20.28 -35.08
C ASP A 47 -7.49 20.92 -34.90
N PHE A 48 -7.87 21.22 -33.66
CA PHE A 48 -9.18 21.79 -33.38
C PHE A 48 -9.26 23.32 -33.40
N GLY A 49 -8.21 23.94 -33.92
CA GLY A 49 -8.15 25.39 -34.06
C GLY A 49 -8.42 26.24 -32.85
N GLY A 50 -8.12 25.72 -31.66
CA GLY A 50 -8.34 26.44 -30.42
C GLY A 50 -9.81 26.61 -30.06
N LYS A 51 -10.70 25.88 -30.72
CA LYS A 51 -12.12 26.02 -30.43
C LYS A 51 -12.53 25.27 -29.17
N VAL A 52 -13.48 25.84 -28.42
CA VAL A 52 -13.98 25.21 -27.18
C VAL A 52 -15.14 24.32 -27.63
N LEU A 53 -14.84 23.05 -27.83
CA LEU A 53 -15.83 22.12 -28.33
C LEU A 53 -16.32 21.09 -27.34
N THR A 54 -17.54 20.62 -27.55
CA THR A 54 -18.14 19.56 -26.75
C THR A 54 -18.27 18.37 -27.72
N ILE A 55 -17.39 17.38 -27.54
CA ILE A 55 -17.38 16.23 -28.40
C ILE A 55 -18.11 15.08 -27.72
N GLU A 56 -19.20 14.66 -28.35
CA GLU A 56 -20.05 13.60 -27.85
C GLU A 56 -19.81 12.36 -28.73
N CYS A 57 -19.32 11.28 -28.12
CA CYS A 57 -19.03 10.06 -28.88
C CYS A 57 -20.12 9.00 -28.73
N LYS A 58 -20.60 8.53 -29.87
CA LYS A 58 -21.62 7.50 -29.91
C LYS A 58 -21.17 6.37 -30.84
N ALA A 59 -19.86 6.32 -31.10
CA ALA A 59 -19.27 5.30 -31.95
C ALA A 59 -17.82 5.14 -31.52
N LYS A 60 -17.09 4.22 -32.15
CA LYS A 60 -15.70 3.95 -31.80
C LYS A 60 -14.64 4.56 -32.68
N PHE A 61 -13.45 4.71 -32.09
CA PHE A 61 -12.24 5.16 -32.79
C PHE A 61 -11.48 3.82 -32.84
N ILE A 62 -11.24 3.31 -34.04
CA ILE A 62 -10.58 2.03 -34.21
C ILE A 62 -9.20 2.12 -34.85
N GLY A 63 -8.21 1.57 -34.18
CA GLY A 63 -6.86 1.57 -34.73
C GLY A 63 -5.81 1.24 -33.70
N ASP A 64 -4.66 0.76 -34.17
CA ASP A 64 -3.53 0.48 -33.29
C ASP A 64 -2.75 1.79 -33.31
N GLY A 65 -2.14 2.16 -32.20
CA GLY A 65 -1.38 3.40 -32.21
C GLY A 65 -2.14 4.60 -31.66
N ASN A 66 -1.62 5.79 -31.92
CA ASN A 66 -2.20 7.02 -31.38
C ASN A 66 -3.01 7.87 -32.29
N LEU A 67 -4.15 8.32 -31.76
CA LEU A 67 -5.04 9.28 -32.42
C LEU A 67 -4.73 10.54 -31.57
N ILE A 68 -4.17 11.56 -32.21
CA ILE A 68 -3.72 12.76 -31.52
C ILE A 68 -4.63 13.99 -31.70
N PHE A 69 -5.14 14.50 -30.59
CA PHE A 69 -6.01 15.69 -30.58
C PHE A 69 -5.15 16.85 -30.11
N THR A 70 -5.09 17.92 -30.89
CA THR A 70 -4.30 19.08 -30.49
C THR A 70 -5.15 20.32 -30.62
N LYS A 71 -4.69 21.40 -29.99
CA LYS A 71 -5.35 22.69 -30.06
C LYS A 71 -6.83 22.77 -29.74
N LEU A 72 -7.22 22.09 -28.67
CA LEU A 72 -8.59 22.14 -28.17
C LEU A 72 -8.58 23.32 -27.21
N GLY A 73 -9.63 24.14 -27.26
CA GLY A 73 -9.71 25.29 -26.39
C GLY A 73 -9.99 24.92 -24.94
N LYS A 74 -9.58 25.79 -24.03
CA LYS A 74 -9.79 25.55 -22.61
C LYS A 74 -11.30 25.45 -22.37
N GLY A 75 -11.71 24.38 -21.72
CA GLY A 75 -13.12 24.18 -21.47
C GLY A 75 -13.74 23.10 -22.34
N SER A 76 -12.95 22.53 -23.24
CA SER A 76 -13.43 21.47 -24.12
C SER A 76 -13.66 20.17 -23.36
N ARG A 77 -14.70 19.42 -23.76
CA ARG A 77 -15.06 18.14 -23.13
C ARG A 77 -15.27 17.08 -24.19
N ILE A 78 -14.81 15.88 -23.88
CA ILE A 78 -14.93 14.72 -24.77
C ILE A 78 -15.66 13.71 -23.89
N ALA A 79 -16.82 13.25 -24.33
CA ALA A 79 -17.58 12.30 -23.53
C ALA A 79 -17.95 11.02 -24.27
N GLY A 80 -17.81 9.90 -23.57
CA GLY A 80 -18.17 8.60 -24.12
C GLY A 80 -17.24 8.00 -25.15
N VAL A 81 -16.03 8.55 -25.29
CA VAL A 81 -15.06 8.03 -26.26
C VAL A 81 -14.73 6.55 -26.01
N PHE A 82 -14.66 5.78 -27.09
CA PHE A 82 -14.36 4.36 -27.02
C PHE A 82 -13.23 4.03 -27.99
N MET A 83 -12.09 3.61 -27.44
CA MET A 83 -10.91 3.24 -28.22
C MET A 83 -10.81 1.73 -28.35
N GLU A 84 -10.49 1.24 -29.55
CA GLU A 84 -10.35 -0.19 -29.76
C GLU A 84 -9.26 -0.44 -30.78
N SER A 85 -8.37 -1.37 -30.46
CA SER A 85 -7.28 -1.72 -31.38
C SER A 85 -7.79 -2.51 -32.58
N THR A 86 -7.01 -2.56 -33.65
CA THR A 86 -7.40 -3.37 -34.81
C THR A 86 -6.81 -4.78 -34.59
N THR A 87 -5.68 -4.85 -33.89
CA THR A 87 -5.04 -6.12 -33.61
C THR A 87 -5.59 -6.80 -32.35
N THR A 88 -5.71 -8.12 -32.41
CA THR A 88 -6.12 -8.93 -31.26
C THR A 88 -4.81 -9.61 -30.86
N PRO A 89 -4.19 -9.16 -29.78
CA PRO A 89 -2.93 -9.78 -29.38
C PRO A 89 -3.06 -11.03 -28.52
N TRP A 90 -1.90 -11.63 -28.25
CA TRP A 90 -1.78 -12.80 -27.38
C TRP A 90 -1.69 -12.25 -25.96
N VAL A 91 -2.56 -12.73 -25.08
CA VAL A 91 -2.57 -12.28 -23.69
C VAL A 91 -2.46 -13.44 -22.68
N ILE A 92 -1.83 -13.18 -21.54
CA ILE A 92 -1.71 -14.18 -20.48
C ILE A 92 -2.75 -13.79 -19.42
N LYS A 93 -3.18 -14.77 -18.63
CA LYS A 93 -4.18 -14.55 -17.60
C LYS A 93 -3.69 -15.33 -16.37
N PRO A 94 -2.82 -14.72 -15.55
CA PRO A 94 -2.22 -15.30 -14.33
C PRO A 94 -3.10 -15.57 -13.10
N TRP A 95 -4.35 -15.99 -13.30
CA TRP A 95 -5.24 -16.31 -12.18
C TRP A 95 -6.16 -17.46 -12.59
N THR A 96 -6.67 -18.18 -11.61
CA THR A 96 -7.54 -19.31 -11.87
C THR A 96 -9.03 -18.96 -11.83
N ASP A 97 -9.87 -19.97 -12.09
CA ASP A 97 -11.33 -19.82 -12.06
C ASP A 97 -11.84 -19.58 -10.65
N ASP A 98 -10.99 -19.85 -9.66
CA ASP A 98 -11.33 -19.62 -8.26
C ASP A 98 -10.63 -18.35 -7.83
N ASN A 99 -10.14 -17.59 -8.80
CA ASN A 99 -9.44 -16.35 -8.52
C ASN A 99 -8.17 -16.48 -7.66
N GLN A 100 -7.44 -17.57 -7.86
CA GLN A 100 -6.17 -17.75 -7.15
C GLN A 100 -5.12 -17.30 -8.16
N TRP A 101 -4.07 -16.68 -7.68
CA TRP A 101 -2.99 -16.23 -8.55
C TRP A 101 -2.16 -17.43 -8.96
N LEU A 102 -1.68 -17.44 -10.20
CA LEU A 102 -0.77 -18.49 -10.70
C LEU A 102 0.59 -17.81 -10.60
N THR A 103 1.57 -18.48 -10.01
CA THR A 103 2.90 -17.89 -9.86
C THR A 103 3.95 -18.68 -10.66
N ASP A 104 3.55 -19.84 -11.12
CA ASP A 104 4.40 -20.75 -11.87
C ASP A 104 4.41 -20.36 -13.35
N ALA A 105 5.61 -20.09 -13.88
CA ALA A 105 5.78 -19.69 -15.29
C ALA A 105 5.09 -20.62 -16.30
N ALA A 106 5.26 -21.92 -16.14
CA ALA A 106 4.64 -22.91 -17.04
C ALA A 106 3.12 -22.83 -16.97
N ALA A 107 2.57 -22.64 -15.77
CA ALA A 107 1.12 -22.54 -15.63
C ALA A 107 0.61 -21.25 -16.30
N VAL A 108 1.37 -20.17 -16.19
CA VAL A 108 0.96 -18.90 -16.80
C VAL A 108 1.03 -18.97 -18.32
N VAL A 109 2.05 -19.62 -18.85
CA VAL A 109 2.20 -19.74 -20.30
C VAL A 109 1.04 -20.54 -20.87
N ALA A 110 0.56 -21.51 -20.11
CA ALA A 110 -0.56 -22.34 -20.52
C ALA A 110 -1.85 -21.52 -20.69
N THR A 111 -1.92 -20.30 -20.13
CA THR A 111 -3.13 -19.48 -20.22
C THR A 111 -3.24 -18.63 -21.49
N LEU A 112 -2.19 -18.63 -22.31
CA LEU A 112 -2.13 -17.85 -23.54
C LEU A 112 -3.32 -18.02 -24.48
N LYS A 113 -3.87 -16.89 -24.93
CA LYS A 113 -5.02 -16.86 -25.85
C LYS A 113 -4.96 -15.53 -26.59
N GLN A 114 -5.68 -15.46 -27.70
CA GLN A 114 -5.75 -14.22 -28.46
C GLN A 114 -7.04 -13.55 -28.04
N SER A 115 -6.93 -12.40 -27.40
CA SER A 115 -8.10 -11.69 -26.96
C SER A 115 -7.73 -10.24 -26.71
N LYS A 116 -8.73 -9.35 -26.76
CA LYS A 116 -8.55 -7.93 -26.51
C LYS A 116 -8.84 -7.59 -25.06
N THR A 117 -9.08 -8.61 -24.24
CA THR A 117 -9.40 -8.39 -22.84
C THR A 117 -9.22 -9.67 -22.04
N ASP A 118 -9.54 -9.63 -20.75
CA ASP A 118 -9.42 -10.76 -19.83
C ASP A 118 -7.98 -11.32 -19.79
N GLY A 119 -7.03 -10.40 -19.69
CA GLY A 119 -5.63 -10.77 -19.64
C GLY A 119 -4.85 -9.58 -20.16
N TYR A 120 -3.54 -9.74 -20.29
CA TYR A 120 -2.69 -8.66 -20.80
C TYR A 120 -1.47 -9.18 -21.57
N GLN A 121 -0.91 -8.32 -22.41
CA GLN A 121 0.27 -8.67 -23.18
C GLN A 121 1.48 -8.71 -22.26
N PRO A 122 2.27 -9.80 -22.28
CA PRO A 122 3.45 -9.91 -21.42
C PRO A 122 4.46 -8.77 -21.68
N THR A 123 5.14 -8.36 -20.62
CA THR A 123 6.13 -7.29 -20.71
C THR A 123 7.42 -7.79 -20.06
N VAL A 124 8.47 -6.96 -20.12
CA VAL A 124 9.74 -7.30 -19.51
C VAL A 124 9.63 -7.48 -18.00
N SER A 125 8.65 -6.81 -17.38
CA SER A 125 8.44 -6.93 -15.93
C SER A 125 7.93 -8.33 -15.57
N ASP A 126 7.19 -8.96 -16.47
CA ASP A 126 6.71 -10.31 -16.25
C ASP A 126 7.86 -11.33 -16.17
N TYR A 127 8.97 -11.03 -16.83
CA TYR A 127 10.13 -11.91 -16.81
C TYR A 127 10.69 -12.02 -15.40
N VAL A 128 10.48 -10.94 -14.62
CA VAL A 128 10.93 -10.87 -13.24
C VAL A 128 9.86 -11.48 -12.30
N LYS A 129 8.61 -11.14 -12.56
CA LYS A 129 7.48 -11.61 -11.77
C LYS A 129 7.29 -13.12 -11.81
N PHE A 130 7.40 -13.71 -13.00
CA PHE A 130 7.21 -15.14 -13.18
C PHE A 130 8.53 -15.67 -13.73
N PRO A 131 9.50 -15.91 -12.85
CA PRO A 131 10.81 -16.40 -13.26
C PRO A 131 10.82 -17.60 -14.20
N GLY A 132 11.50 -17.41 -15.33
CA GLY A 132 11.63 -18.45 -16.35
C GLY A 132 10.62 -18.33 -17.47
N ILE A 133 9.66 -17.42 -17.33
CA ILE A 133 8.64 -17.25 -18.34
C ILE A 133 9.22 -16.73 -19.67
N GLU A 134 10.30 -15.95 -19.58
CA GLU A 134 10.92 -15.41 -20.77
C GLU A 134 11.33 -16.49 -21.76
N THR A 135 11.79 -17.62 -21.24
CA THR A 135 12.21 -18.70 -22.12
C THR A 135 11.07 -19.63 -22.53
N LEU A 136 9.97 -19.61 -21.79
CA LEU A 136 8.83 -20.47 -22.11
C LEU A 136 7.83 -19.84 -23.07
N LEU A 137 7.77 -18.51 -23.10
CA LEU A 137 6.84 -17.83 -23.97
C LEU A 137 7.21 -18.00 -25.43
N PRO A 138 6.21 -18.27 -26.29
CA PRO A 138 6.47 -18.43 -27.73
C PRO A 138 6.80 -17.03 -28.25
N PRO A 139 7.63 -16.94 -29.31
CA PRO A 139 8.01 -15.63 -29.85
C PRO A 139 6.88 -14.68 -30.24
N ASN A 140 5.74 -15.20 -30.69
CA ASN A 140 4.65 -14.29 -31.05
C ASN A 140 3.94 -13.67 -29.84
N ALA A 141 4.30 -14.13 -28.64
CA ALA A 141 3.71 -13.61 -27.42
C ALA A 141 4.64 -12.61 -26.74
N LYS A 142 5.85 -12.46 -27.27
CA LYS A 142 6.82 -11.53 -26.68
C LYS A 142 7.00 -10.24 -27.47
N GLY A 143 7.24 -9.15 -26.74
CA GLY A 143 7.45 -7.85 -27.37
C GLY A 143 6.25 -7.27 -28.12
N GLN A 144 5.04 -7.66 -27.76
CA GLN A 144 3.86 -7.10 -28.44
C GLN A 144 3.67 -5.68 -27.94
N ASN A 145 3.07 -4.83 -28.76
CA ASN A 145 2.90 -3.45 -28.35
C ASN A 145 1.58 -2.88 -28.85
N ILE A 146 0.49 -3.53 -28.47
CA ILE A 146 -0.82 -3.09 -28.93
C ILE A 146 -1.57 -2.23 -27.94
N THR A 147 -1.85 -0.99 -28.34
CA THR A 147 -2.66 -0.06 -27.55
C THR A 147 -3.32 0.89 -28.55
N SER A 148 -4.62 1.16 -28.35
CA SER A 148 -5.35 2.12 -29.17
C SER A 148 -5.41 3.34 -28.21
N THR A 149 -4.57 4.32 -28.47
CA THR A 149 -4.45 5.47 -27.60
C THR A 149 -4.98 6.80 -28.07
N LEU A 150 -5.79 7.44 -27.23
CA LEU A 150 -6.28 8.79 -27.50
C LEU A 150 -5.25 9.68 -26.81
N GLU A 151 -4.50 10.45 -27.59
CA GLU A 151 -3.50 11.32 -27.03
C GLU A 151 -3.95 12.77 -27.12
N ILE A 152 -4.07 13.44 -25.97
CA ILE A 152 -4.43 14.86 -25.92
C ILE A 152 -3.05 15.51 -25.75
N ARG A 153 -2.64 16.34 -26.71
CA ARG A 153 -1.31 16.91 -26.64
C ARG A 153 -1.27 18.41 -26.40
N GLU A 154 -0.52 18.80 -25.38
CA GLU A 154 -0.29 20.18 -25.01
C GLU A 154 -1.56 21.02 -24.94
N CYS A 155 -2.55 20.53 -24.24
CA CYS A 155 -3.80 21.26 -24.09
C CYS A 155 -3.96 21.65 -22.63
N ILE A 156 -4.86 22.61 -22.38
CA ILE A 156 -5.12 23.08 -21.03
C ILE A 156 -6.63 23.11 -20.82
N GLY A 157 -7.07 22.61 -19.67
CA GLY A 157 -8.47 22.63 -19.34
C GLY A 157 -9.38 21.75 -20.18
N VAL A 158 -8.89 20.58 -20.59
CA VAL A 158 -9.70 19.64 -21.36
C VAL A 158 -10.08 18.47 -20.46
N GLU A 159 -11.34 18.04 -20.51
CA GLU A 159 -11.77 16.92 -19.70
C GLU A 159 -12.33 15.78 -20.54
N VAL A 160 -11.96 14.55 -20.18
CA VAL A 160 -12.42 13.35 -20.87
C VAL A 160 -13.33 12.64 -19.86
N HIS A 161 -14.60 12.47 -20.24
CA HIS A 161 -15.61 11.88 -19.38
C HIS A 161 -16.16 10.56 -19.90
N ARG A 162 -16.36 9.60 -18.98
CA ARG A 162 -16.95 8.31 -19.31
C ARG A 162 -16.32 7.58 -20.48
N ALA A 163 -15.00 7.58 -20.52
CA ALA A 163 -14.26 6.92 -21.58
C ALA A 163 -14.22 5.42 -21.36
N SER A 164 -14.17 4.66 -22.45
CA SER A 164 -14.07 3.21 -22.36
C SER A 164 -13.25 2.65 -23.55
N GLY A 165 -13.18 1.34 -23.67
CA GLY A 165 -12.45 0.78 -24.78
C GLY A 165 -11.91 -0.62 -24.54
N LEU A 166 -11.24 -1.14 -25.56
CA LEU A 166 -10.64 -2.48 -25.53
C LEU A 166 -9.21 -2.26 -26.03
N MET A 167 -8.24 -2.68 -25.22
CA MET A 167 -6.81 -2.48 -25.52
C MET A 167 -6.63 -0.96 -25.65
N ALA A 168 -7.32 -0.23 -24.79
CA ALA A 168 -7.35 1.24 -24.81
C ALA A 168 -6.39 1.96 -23.86
N GLY A 169 -5.94 3.12 -24.31
CA GLY A 169 -5.04 3.95 -23.52
C GLY A 169 -5.43 5.40 -23.69
N PHE A 170 -5.19 6.21 -22.66
CA PHE A 170 -5.50 7.65 -22.68
C PHE A 170 -4.27 8.36 -22.18
N LEU A 171 -3.68 9.14 -23.06
CA LEU A 171 -2.45 9.87 -22.78
C LEU A 171 -2.59 11.38 -22.88
N PHE A 172 -2.32 12.05 -21.76
CA PHE A 172 -2.32 13.50 -21.70
C PHE A 172 -0.84 13.86 -21.74
N ARG A 173 -0.37 14.41 -22.85
CA ARG A 173 1.04 14.76 -23.00
C ARG A 173 1.23 16.27 -22.96
N GLY A 174 1.96 16.75 -21.95
CA GLY A 174 2.21 18.19 -21.83
C GLY A 174 0.97 18.98 -21.50
N CYS A 175 -0.01 18.34 -20.88
CA CYS A 175 -1.27 19.01 -20.54
C CYS A 175 -1.28 19.57 -19.12
N HIS A 176 -2.16 20.53 -18.88
CA HIS A 176 -2.33 21.12 -17.56
C HIS A 176 -3.82 21.34 -17.36
N PHE A 177 -4.27 21.17 -16.11
CA PHE A 177 -5.67 21.36 -15.74
C PHE A 177 -6.62 20.48 -16.53
N CYS A 178 -6.16 19.25 -16.79
CA CYS A 178 -6.96 18.26 -17.51
C CYS A 178 -7.43 17.18 -16.54
N LYS A 179 -8.56 16.57 -16.83
CA LYS A 179 -9.11 15.54 -15.97
C LYS A 179 -9.64 14.36 -16.74
N MET A 180 -9.48 13.17 -16.15
CA MET A 180 -10.00 11.93 -16.69
C MET A 180 -11.09 11.65 -15.64
N VAL A 181 -12.34 11.86 -16.03
CA VAL A 181 -13.47 11.72 -15.12
C VAL A 181 -14.41 10.56 -15.42
N ASP A 182 -14.77 9.83 -14.38
CA ASP A 182 -15.69 8.69 -14.47
C ASP A 182 -15.36 7.72 -15.60
N ALA A 183 -14.09 7.32 -15.70
CA ALA A 183 -13.68 6.35 -16.73
C ALA A 183 -14.64 5.16 -16.60
N ASN A 184 -15.26 4.80 -17.72
CA ASN A 184 -16.21 3.72 -17.74
C ASN A 184 -15.59 2.35 -18.01
N ASN A 185 -14.71 1.93 -17.12
CA ASN A 185 -14.07 0.64 -17.19
C ASN A 185 -13.36 0.21 -18.49
N PRO A 186 -12.48 1.09 -19.01
CA PRO A 186 -11.79 0.69 -20.24
C PRO A 186 -10.88 -0.49 -19.90
N SER A 187 -10.74 -1.41 -20.84
CA SER A 187 -9.87 -2.57 -20.68
C SER A 187 -8.55 -2.13 -21.33
N GLY A 188 -7.47 -2.12 -20.56
CA GLY A 188 -6.19 -1.63 -21.02
C GLY A 188 -5.40 -2.40 -22.07
N GLY A 189 -4.46 -1.69 -22.67
CA GLY A 189 -3.58 -2.25 -23.67
C GLY A 189 -2.16 -2.40 -23.12
N LYS A 190 -1.17 -2.26 -23.99
CA LYS A 190 0.21 -2.42 -23.56
C LYS A 190 0.74 -1.28 -22.68
N ASP A 191 0.32 -0.05 -22.97
CA ASP A 191 0.75 1.13 -22.21
C ASP A 191 -0.18 1.41 -21.03
N GLY A 192 0.17 2.42 -20.22
CA GLY A 192 -0.64 2.80 -19.08
C GLY A 192 -2.04 3.16 -19.55
N ILE A 193 -3.06 2.87 -18.76
CA ILE A 193 -4.41 3.20 -19.18
C ILE A 193 -4.68 4.70 -19.15
N ILE A 194 -4.27 5.37 -18.07
CA ILE A 194 -4.43 6.82 -17.93
C ILE A 194 -3.05 7.34 -17.55
N THR A 195 -2.49 8.20 -18.40
CA THR A 195 -1.15 8.74 -18.18
C THR A 195 -1.08 10.26 -18.33
N PHE A 196 -0.51 10.92 -17.31
CA PHE A 196 -0.30 12.36 -17.36
C PHE A 196 1.22 12.49 -17.44
N GLU A 197 1.71 12.72 -18.65
CA GLU A 197 3.15 12.84 -18.88
C GLU A 197 3.53 14.30 -19.17
N ASN A 198 4.40 14.86 -18.34
CA ASN A 198 4.85 16.24 -18.47
C ASN A 198 6.35 16.37 -18.43
N LEU A 199 7.02 15.55 -19.23
CA LEU A 199 8.47 15.53 -19.31
C LEU A 199 9.04 16.78 -19.99
N SER A 200 8.24 17.39 -20.86
CA SER A 200 8.67 18.60 -21.57
C SER A 200 7.78 19.75 -21.14
N GLY A 201 8.35 20.94 -21.15
CA GLY A 201 7.60 22.11 -20.76
C GLY A 201 7.61 22.22 -19.25
N ASP A 202 6.56 22.82 -18.72
CA ASP A 202 6.42 23.01 -17.29
C ASP A 202 5.98 21.71 -16.62
N TRP A 203 6.17 21.67 -15.31
CA TRP A 203 5.76 20.54 -14.52
C TRP A 203 4.22 20.49 -14.62
N GLY A 204 3.66 19.29 -14.77
CA GLY A 204 2.21 19.17 -14.86
C GLY A 204 1.52 19.64 -13.58
N LYS A 205 0.38 20.33 -13.74
CA LYS A 205 -0.41 20.83 -12.63
C LYS A 205 -1.88 20.83 -13.00
N GLY A 206 -2.74 20.56 -12.03
CA GLY A 206 -4.18 20.53 -12.23
C GLY A 206 -4.68 19.27 -12.92
N ASN A 207 -3.85 18.24 -13.02
CA ASN A 207 -4.23 17.00 -13.69
C ASN A 207 -4.77 15.97 -12.71
N TYR A 208 -6.01 15.52 -12.96
CA TYR A 208 -6.66 14.57 -12.09
C TYR A 208 -7.32 13.38 -12.77
N VAL A 209 -7.46 12.31 -11.98
CA VAL A 209 -8.22 11.12 -12.32
C VAL A 209 -9.30 11.20 -11.24
N ILE A 210 -10.55 11.48 -11.62
CA ILE A 210 -11.65 11.60 -10.66
C ILE A 210 -12.70 10.54 -10.93
N GLY A 211 -12.93 9.67 -9.95
CA GLY A 211 -13.94 8.63 -10.09
C GLY A 211 -13.61 7.58 -11.13
N GLY A 212 -14.59 6.73 -11.42
CA GLY A 212 -14.43 5.69 -12.43
C GLY A 212 -13.58 4.48 -12.07
N ARG A 213 -13.33 3.67 -13.09
CA ARG A 213 -12.55 2.45 -12.91
C ARG A 213 -11.94 2.00 -14.21
N THR A 214 -10.93 1.15 -14.10
CA THR A 214 -10.27 0.56 -15.27
C THR A 214 -10.04 -0.92 -14.95
N SER A 215 -9.82 -1.71 -16.00
CA SER A 215 -9.54 -3.13 -15.83
C SER A 215 -8.38 -3.53 -16.74
N TYR A 216 -7.59 -4.50 -16.27
CA TYR A 216 -6.47 -5.05 -17.03
C TYR A 216 -5.38 -4.04 -17.41
N GLY A 217 -4.78 -4.22 -18.58
CA GLY A 217 -3.69 -3.38 -19.02
C GLY A 217 -2.38 -4.06 -18.62
N SER A 218 -1.34 -3.95 -19.45
CA SER A 218 -0.05 -4.57 -19.16
C SER A 218 0.76 -3.86 -18.07
N VAL A 219 0.58 -2.55 -17.94
CA VAL A 219 1.32 -1.79 -16.93
C VAL A 219 0.38 -1.11 -15.93
N SER A 220 0.71 0.09 -15.48
CA SER A 220 -0.13 0.77 -14.48
C SER A 220 -1.41 1.42 -15.00
N SER A 221 -2.44 1.40 -14.15
CA SER A 221 -3.76 1.94 -14.50
C SER A 221 -3.75 3.46 -14.63
N ALA A 222 -3.27 4.13 -13.60
CA ALA A 222 -3.20 5.60 -13.61
C ALA A 222 -1.76 5.93 -13.21
N GLN A 223 -1.11 6.77 -14.00
CA GLN A 223 0.28 7.11 -13.71
C GLN A 223 0.64 8.53 -14.06
N PHE A 224 1.58 9.08 -13.31
CA PHE A 224 2.02 10.47 -13.48
C PHE A 224 3.53 10.56 -13.66
N LEU A 225 3.95 11.47 -14.54
CA LEU A 225 5.35 11.75 -14.79
C LEU A 225 5.57 13.26 -14.73
N ARG A 226 6.44 13.70 -13.83
CA ARG A 226 6.80 15.11 -13.67
C ARG A 226 5.63 16.09 -13.45
N ASN A 227 4.80 15.76 -12.47
CA ASN A 227 3.66 16.61 -12.10
C ASN A 227 3.94 17.12 -10.69
N ASN A 228 3.54 18.36 -10.46
CA ASN A 228 3.69 19.01 -9.17
C ASN A 228 2.39 19.82 -8.93
N GLY A 229 1.57 19.36 -8.00
CA GLY A 229 0.33 20.03 -7.70
C GLY A 229 0.45 21.31 -6.88
N GLY A 230 1.66 21.65 -6.48
CA GLY A 230 1.87 22.84 -5.68
C GLY A 230 1.34 22.69 -4.26
N PHE A 231 1.47 23.74 -3.45
CA PHE A 231 0.99 23.69 -2.06
C PHE A 231 -0.51 23.41 -2.04
N GLU A 232 -1.19 23.86 -3.09
CA GLU A 232 -2.63 23.66 -3.22
C GLU A 232 -3.02 22.20 -3.51
N ARG A 233 -2.02 21.33 -3.73
CA ARG A 233 -2.26 19.92 -4.03
C ARG A 233 -3.28 19.81 -5.17
N ASP A 234 -3.00 20.52 -6.25
CA ASP A 234 -3.89 20.58 -7.41
C ASP A 234 -3.54 19.47 -8.41
N GLY A 235 -4.01 18.26 -8.13
CA GLY A 235 -3.77 17.13 -9.01
C GLY A 235 -3.77 15.83 -8.22
N GLY A 236 -3.91 14.71 -8.93
CA GLY A 236 -3.89 13.44 -8.24
C GLY A 236 -5.02 12.51 -8.62
N VAL A 237 -5.28 11.56 -7.73
CA VAL A 237 -6.29 10.52 -7.95
C VAL A 237 -7.26 10.51 -6.78
N ILE A 238 -8.55 10.69 -7.10
CA ILE A 238 -9.60 10.70 -6.08
C ILE A 238 -10.79 9.88 -6.53
N GLY A 239 -11.23 8.95 -5.68
CA GLY A 239 -12.40 8.14 -5.96
C GLY A 239 -12.30 7.15 -7.11
N PHE A 240 -11.10 6.69 -7.36
CA PHE A 240 -10.78 5.78 -8.46
C PHE A 240 -10.67 4.31 -8.05
N THR A 241 -11.01 3.41 -8.97
CA THR A 241 -10.89 1.98 -8.73
C THR A 241 -10.09 1.33 -9.88
N SER A 242 -9.07 0.56 -9.53
CA SER A 242 -8.28 -0.16 -10.52
C SER A 242 -8.40 -1.65 -10.26
N TYR A 243 -8.66 -2.41 -11.32
CA TYR A 243 -8.75 -3.87 -11.21
C TYR A 243 -7.74 -4.52 -12.12
N ARG A 244 -7.02 -5.50 -11.57
CA ARG A 244 -6.04 -6.31 -12.30
C ARG A 244 -5.02 -5.59 -13.20
N ALA A 245 -4.37 -4.55 -12.68
CA ALA A 245 -3.35 -3.84 -13.44
C ALA A 245 -2.18 -4.81 -13.66
N GLY A 246 -1.61 -4.79 -14.86
CA GLY A 246 -0.47 -5.64 -15.19
C GLY A 246 0.72 -5.25 -14.32
N GLU A 247 0.77 -3.99 -13.91
CA GLU A 247 1.81 -3.55 -12.99
C GLU A 247 1.11 -3.02 -11.73
N SER A 248 0.99 -1.70 -11.58
CA SER A 248 0.37 -1.15 -10.38
C SER A 248 -0.93 -0.39 -10.62
N GLY A 249 -1.75 -0.27 -9.58
CA GLY A 249 -3.02 0.43 -9.70
C GLY A 249 -2.78 1.91 -9.94
N VAL A 250 -2.05 2.53 -9.03
CA VAL A 250 -1.73 3.96 -9.11
C VAL A 250 -0.21 4.08 -8.95
N LYS A 251 0.40 4.85 -9.86
CA LYS A 251 1.85 5.02 -9.86
C LYS A 251 2.40 6.41 -10.14
N THR A 252 3.30 6.87 -9.27
CA THR A 252 4.02 8.12 -9.48
C THR A 252 5.39 7.56 -9.89
N TRP A 253 5.87 7.93 -11.08
CA TRP A 253 7.12 7.38 -11.59
C TRP A 253 8.36 7.71 -10.80
N GLN A 254 9.36 6.85 -10.92
CA GLN A 254 10.63 7.06 -10.23
C GLN A 254 11.77 7.22 -11.22
N GLY A 255 12.78 7.97 -10.80
CA GLY A 255 13.98 8.13 -11.61
C GLY A 255 13.93 9.03 -12.83
N THR A 256 14.98 8.90 -13.63
CA THR A 256 15.14 9.68 -14.85
C THR A 256 14.47 9.00 -16.04
N VAL A 257 13.71 9.78 -16.81
CA VAL A 257 13.07 9.27 -18.01
C VAL A 257 13.48 10.29 -19.07
N GLY A 258 14.15 9.81 -20.10
CA GLY A 258 14.61 10.70 -21.15
C GLY A 258 15.84 11.35 -20.55
N SER A 259 15.82 12.68 -20.47
CA SER A 259 16.94 13.40 -19.90
C SER A 259 16.52 14.16 -18.66
N THR A 260 15.34 13.87 -18.15
CA THR A 260 14.86 14.61 -16.99
C THR A 260 14.19 13.72 -15.96
N THR A 261 13.73 14.35 -14.89
CA THR A 261 13.06 13.67 -13.81
C THR A 261 11.62 13.30 -14.16
N SER A 262 11.18 12.12 -13.74
CA SER A 262 9.80 11.68 -13.98
C SER A 262 9.01 11.74 -12.67
N ARG A 263 9.68 12.20 -11.62
CA ARG A 263 9.12 12.29 -10.27
C ARG A 263 7.93 13.23 -10.10
N ASN A 264 7.23 13.10 -8.98
CA ASN A 264 6.03 13.89 -8.74
C ASN A 264 5.96 14.40 -7.33
N TYR A 265 5.37 15.59 -7.16
CA TYR A 265 5.23 16.24 -5.86
C TYR A 265 3.84 16.79 -5.67
N ASN A 266 3.47 16.95 -4.41
CA ASN A 266 2.23 17.62 -4.05
C ASN A 266 0.94 17.17 -4.72
N LEU A 267 0.75 15.86 -4.85
CA LEU A 267 -0.47 15.34 -5.46
C LEU A 267 -1.34 14.72 -4.37
N GLN A 268 -2.62 14.55 -4.68
CA GLN A 268 -3.54 13.92 -3.73
C GLN A 268 -3.79 12.48 -4.17
N PHE A 269 -3.90 11.57 -3.20
CA PHE A 269 -4.22 10.16 -3.47
C PHE A 269 -5.21 9.84 -2.35
N ARG A 270 -6.49 9.92 -2.67
CA ARG A 270 -7.52 9.71 -1.65
C ARG A 270 -8.73 8.95 -2.13
N ASP A 271 -9.42 8.33 -1.19
CA ASP A 271 -10.68 7.61 -1.45
C ASP A 271 -10.61 6.69 -2.67
N SER A 272 -9.50 5.98 -2.83
CA SER A 272 -9.33 5.12 -3.98
C SER A 272 -9.11 3.67 -3.57
N VAL A 273 -9.39 2.78 -4.52
CA VAL A 273 -9.33 1.35 -4.31
C VAL A 273 -8.55 0.67 -5.42
N VAL A 274 -7.65 -0.22 -5.03
CA VAL A 274 -6.88 -1.01 -6.00
C VAL A 274 -7.00 -2.50 -5.62
N ILE A 275 -7.56 -3.27 -6.54
CA ILE A 275 -7.75 -4.70 -6.33
C ILE A 275 -7.06 -5.56 -7.38
N TYR A 276 -6.40 -6.60 -6.90
CA TYR A 276 -5.69 -7.58 -7.72
C TYR A 276 -4.61 -7.12 -8.71
N PRO A 277 -3.74 -6.18 -8.30
CA PRO A 277 -2.70 -5.77 -9.26
C PRO A 277 -1.63 -6.87 -9.28
N VAL A 278 -0.99 -7.07 -10.43
CA VAL A 278 0.08 -8.07 -10.53
C VAL A 278 1.29 -7.61 -9.72
N TRP A 279 1.52 -6.30 -9.70
CA TRP A 279 2.59 -5.77 -8.89
C TRP A 279 2.01 -5.05 -7.66
N ASP A 280 2.02 -3.72 -7.65
CA ASP A 280 1.57 -3.00 -6.45
C ASP A 280 0.22 -2.31 -6.50
N GLY A 281 -0.36 -2.06 -5.33
CA GLY A 281 -1.63 -1.36 -5.26
C GLY A 281 -1.35 0.10 -5.59
N PHE A 282 -0.61 0.76 -4.71
CA PHE A 282 -0.19 2.15 -4.88
C PHE A 282 1.33 2.18 -4.80
N ASP A 283 1.96 2.68 -5.87
CA ASP A 283 3.40 2.81 -5.91
C ASP A 283 3.64 4.31 -5.92
N LEU A 284 3.86 4.87 -4.74
CA LEU A 284 4.04 6.31 -4.58
C LEU A 284 5.47 6.76 -4.30
N GLY A 285 6.44 5.93 -4.66
CA GLY A 285 7.83 6.27 -4.46
C GLY A 285 8.34 7.17 -5.59
N ALA A 286 9.47 7.84 -5.36
CA ALA A 286 10.05 8.74 -6.36
C ALA A 286 11.47 8.31 -6.76
N ASP A 287 12.18 7.61 -5.88
CA ASP A 287 13.53 7.16 -6.17
C ASP A 287 13.54 5.67 -6.37
N THR A 288 14.39 5.20 -7.25
CA THR A 288 14.52 3.77 -7.52
C THR A 288 15.67 3.18 -6.69
N ASP A 295 22.62 13.44 -9.30
CA ASP A 295 22.07 12.10 -9.59
C ASP A 295 20.64 12.18 -10.10
N ARG A 296 20.00 13.33 -9.90
CA ARG A 296 18.62 13.53 -10.34
C ARG A 296 18.52 14.69 -11.31
N PRO A 297 18.86 14.46 -12.59
CA PRO A 297 18.74 15.58 -13.52
C PRO A 297 17.32 16.16 -13.55
N GLY A 298 17.23 17.47 -13.40
CA GLY A 298 15.96 18.15 -13.40
C GLY A 298 15.25 18.14 -12.07
N ASP A 299 15.89 17.60 -11.04
CA ASP A 299 15.28 17.51 -9.73
C ASP A 299 16.31 17.85 -8.64
N TYR A 300 15.94 17.65 -7.37
CA TYR A 300 16.84 17.92 -6.25
C TYR A 300 18.05 17.03 -6.28
N PRO A 301 19.23 17.60 -6.00
CA PRO A 301 20.43 16.76 -6.01
C PRO A 301 20.48 15.87 -4.76
N ILE A 302 21.17 14.75 -4.89
CA ILE A 302 21.34 13.80 -3.79
C ILE A 302 21.99 14.45 -2.58
N THR A 303 22.73 15.53 -2.81
CA THR A 303 23.41 16.25 -1.74
C THR A 303 22.41 16.98 -0.88
N GLN A 304 21.34 17.45 -1.52
CA GLN A 304 20.30 18.17 -0.81
C GLN A 304 19.40 17.15 -0.12
N TYR A 305 18.90 16.19 -0.87
CA TYR A 305 18.01 15.15 -0.32
C TYR A 305 18.52 13.77 -0.73
N PRO A 306 18.95 12.96 0.25
CA PRO A 306 19.45 11.62 0.00
C PRO A 306 18.39 10.78 -0.69
N LEU A 307 18.81 9.63 -1.20
CA LEU A 307 17.90 8.73 -1.89
C LEU A 307 16.76 8.36 -0.95
N HIS A 308 15.55 8.34 -1.51
CA HIS A 308 14.32 8.01 -0.77
C HIS A 308 13.92 9.06 0.28
N GLN A 309 14.55 10.24 0.23
CA GLN A 309 14.24 11.29 1.18
C GLN A 309 13.78 12.62 0.61
N LEU A 310 13.16 12.58 -0.55
CA LEU A 310 12.62 13.80 -1.16
C LEU A 310 11.37 14.23 -0.39
N PRO A 311 11.12 15.54 -0.33
CA PRO A 311 9.96 16.10 0.36
C PRO A 311 8.76 16.05 -0.60
N LEU A 312 8.30 14.83 -0.93
CA LEU A 312 7.21 14.62 -1.88
C LEU A 312 5.94 15.36 -1.51
N ASN A 313 5.60 15.36 -0.22
CA ASN A 313 4.46 16.11 0.27
C ASN A 313 3.07 15.75 -0.26
N HIS A 314 2.87 14.52 -0.71
CA HIS A 314 1.56 14.12 -1.20
C HIS A 314 0.53 14.09 -0.06
N LEU A 315 -0.73 14.32 -0.39
CA LEU A 315 -1.83 14.28 0.58
C LEU A 315 -2.40 12.87 0.36
N ILE A 316 -2.14 11.98 1.30
CA ILE A 316 -2.54 10.57 1.18
C ILE A 316 -3.50 10.17 2.28
N ASP A 317 -4.68 9.70 1.90
CA ASP A 317 -5.70 9.35 2.89
C ASP A 317 -6.81 8.48 2.32
N ASN A 318 -7.29 7.57 3.15
CA ASN A 318 -8.41 6.71 2.81
C ASN A 318 -8.19 5.89 1.53
N LEU A 319 -7.29 4.91 1.62
CA LEU A 319 -6.99 4.06 0.48
C LEU A 319 -7.19 2.60 0.90
N LEU A 320 -7.72 1.79 -0.02
CA LEU A 320 -7.95 0.38 0.24
C LEU A 320 -7.28 -0.44 -0.85
N VAL A 321 -6.62 -1.52 -0.45
CA VAL A 321 -5.97 -2.41 -1.41
C VAL A 321 -6.30 -3.86 -1.00
N ARG A 322 -6.65 -4.68 -1.98
CA ARG A 322 -6.91 -6.09 -1.75
C ARG A 322 -6.45 -6.94 -2.93
N GLY A 323 -5.79 -8.06 -2.63
CA GLY A 323 -5.37 -8.97 -3.69
C GLY A 323 -4.10 -8.72 -4.47
N ALA A 324 -3.25 -7.80 -4.03
CA ALA A 324 -2.00 -7.52 -4.75
C ALA A 324 -1.05 -8.71 -4.72
N LEU A 325 -0.44 -9.01 -5.87
CA LEU A 325 0.52 -10.10 -5.93
C LEU A 325 1.91 -9.56 -5.53
N GLY A 326 2.07 -8.25 -5.64
CA GLY A 326 3.30 -7.58 -5.28
C GLY A 326 3.13 -6.95 -3.89
N VAL A 327 3.35 -5.65 -3.78
CA VAL A 327 3.21 -4.93 -2.51
C VAL A 327 1.90 -4.13 -2.49
N GLY A 328 1.14 -4.21 -1.40
CA GLY A 328 -0.10 -3.47 -1.35
C GLY A 328 0.09 -1.95 -1.43
N PHE A 329 0.95 -1.42 -0.57
CA PHE A 329 1.17 0.02 -0.51
C PHE A 329 2.66 0.29 -0.39
N GLY A 330 3.20 1.02 -1.36
CA GLY A 330 4.62 1.32 -1.37
C GLY A 330 4.90 2.79 -1.56
N MET A 331 5.94 3.28 -0.91
CA MET A 331 6.32 4.68 -1.02
C MET A 331 7.68 4.98 -0.40
N ASP A 332 8.18 6.18 -0.67
CA ASP A 332 9.43 6.64 -0.06
C ASP A 332 9.21 8.11 0.21
N GLY A 333 10.22 8.80 0.74
CA GLY A 333 10.09 10.22 0.99
C GLY A 333 10.34 10.58 2.43
N LYS A 334 10.50 11.87 2.70
CA LYS A 334 10.73 12.33 4.06
C LYS A 334 9.64 13.32 4.47
N GLY A 335 9.31 13.38 5.75
CA GLY A 335 8.31 14.31 6.24
C GLY A 335 6.88 14.09 5.76
N MET A 336 6.56 12.84 5.45
CA MET A 336 5.22 12.48 4.97
C MET A 336 4.20 12.24 6.10
N TYR A 337 2.93 12.55 5.83
CA TYR A 337 1.83 12.28 6.77
C TYR A 337 0.90 11.38 5.96
N VAL A 338 0.65 10.18 6.45
CA VAL A 338 -0.18 9.20 5.76
C VAL A 338 -1.21 8.73 6.73
N SER A 339 -2.44 8.60 6.27
CA SER A 339 -3.50 8.17 7.16
C SER A 339 -4.57 7.31 6.54
N ASN A 340 -5.14 6.46 7.38
CA ASN A 340 -6.29 5.64 7.02
C ASN A 340 -6.08 4.77 5.80
N ILE A 341 -5.14 3.86 5.92
CA ILE A 341 -4.81 2.93 4.84
C ILE A 341 -5.21 1.53 5.28
N THR A 342 -5.94 0.82 4.42
CA THR A 342 -6.37 -0.55 4.70
C THR A 342 -5.88 -1.46 3.57
N VAL A 343 -5.06 -2.45 3.91
CA VAL A 343 -4.48 -3.38 2.94
C VAL A 343 -4.84 -4.77 3.46
N GLU A 344 -5.51 -5.58 2.64
CA GLU A 344 -5.92 -6.89 3.12
C GLU A 344 -5.85 -7.95 2.05
N ASP A 345 -5.62 -9.19 2.50
CA ASP A 345 -5.61 -10.35 1.62
C ASP A 345 -4.69 -10.17 0.41
N CYS A 346 -3.41 -9.98 0.68
CA CYS A 346 -2.42 -9.80 -0.36
C CYS A 346 -1.46 -10.97 -0.38
N ALA A 347 -1.21 -11.49 -1.59
CA ALA A 347 -0.28 -12.59 -1.81
C ALA A 347 1.10 -12.03 -1.52
N GLY A 348 1.31 -10.76 -1.87
CA GLY A 348 2.59 -10.14 -1.58
C GLY A 348 2.52 -9.32 -0.30
N SER A 349 3.62 -8.62 0.01
CA SER A 349 3.78 -7.75 1.19
C SER A 349 2.72 -6.63 1.29
N GLY A 350 2.30 -6.31 2.52
CA GLY A 350 1.29 -5.27 2.69
C GLY A 350 1.75 -3.85 2.43
N ALA A 351 2.89 -3.51 3.01
CA ALA A 351 3.45 -2.16 2.87
C ALA A 351 4.96 -2.23 2.89
N TYR A 352 5.57 -1.46 1.99
CA TYR A 352 7.01 -1.39 1.88
C TYR A 352 7.29 0.11 1.90
N LEU A 353 7.71 0.60 3.06
CA LEU A 353 7.90 2.02 3.25
C LEU A 353 9.32 2.47 3.46
N LEU A 354 9.91 3.07 2.43
CA LEU A 354 11.27 3.59 2.50
C LEU A 354 11.17 5.08 2.87
N THR A 355 10.55 5.34 4.02
CA THR A 355 10.29 6.68 4.51
C THR A 355 11.11 7.05 5.72
N HIS A 356 11.30 8.34 5.94
CA HIS A 356 12.08 8.84 7.05
C HIS A 356 11.35 10.07 7.59
N GLU A 357 11.37 10.24 8.92
CA GLU A 357 10.71 11.36 9.58
C GLU A 357 9.27 11.53 9.08
N SER A 358 8.57 10.41 8.97
CA SER A 358 7.19 10.40 8.51
C SER A 358 6.28 9.80 9.58
N VAL A 359 5.00 10.14 9.49
CA VAL A 359 4.01 9.69 10.44
C VAL A 359 2.92 8.91 9.72
N PHE A 360 2.57 7.75 10.27
CA PHE A 360 1.53 6.87 9.72
C PHE A 360 0.47 6.72 10.79
N THR A 361 -0.75 7.11 10.46
CA THR A 361 -1.84 7.06 11.42
C THR A 361 -2.95 6.13 10.95
N ASN A 362 -3.36 5.21 11.81
CA ASN A 362 -4.46 4.26 11.52
C ASN A 362 -4.23 3.43 10.27
N ILE A 363 -3.23 2.56 10.34
CA ILE A 363 -2.86 1.68 9.25
C ILE A 363 -3.36 0.27 9.61
N ALA A 364 -3.97 -0.44 8.65
CA ALA A 364 -4.44 -1.79 8.90
C ALA A 364 -3.85 -2.68 7.81
N ILE A 365 -3.01 -3.63 8.21
CA ILE A 365 -2.33 -4.57 7.28
C ILE A 365 -2.83 -5.95 7.71
N ILE A 366 -3.82 -6.43 6.98
CA ILE A 366 -4.52 -7.66 7.33
C ILE A 366 -4.31 -8.81 6.34
N ASP A 367 -3.66 -9.89 6.79
CA ASP A 367 -3.39 -11.08 5.97
C ASP A 367 -2.65 -10.78 4.67
N THR A 368 -1.41 -10.34 4.80
CA THR A 368 -0.56 -10.04 3.64
C THR A 368 0.67 -10.95 3.67
N ASN A 369 1.45 -10.93 2.59
CA ASN A 369 2.64 -11.76 2.42
C ASN A 369 2.22 -13.23 2.57
N THR A 370 1.04 -13.56 2.07
CA THR A 370 0.53 -14.92 2.17
C THR A 370 1.35 -15.94 1.37
N LYS A 371 2.23 -15.46 0.49
CA LYS A 371 3.09 -16.32 -0.31
C LYS A 371 4.59 -16.19 0.00
N ASP A 372 4.94 -15.51 1.08
CA ASP A 372 6.34 -15.32 1.48
C ASP A 372 7.29 -14.75 0.45
N PHE A 373 6.77 -13.89 -0.39
CA PHE A 373 7.60 -13.26 -1.40
C PHE A 373 8.57 -12.30 -0.72
N GLN A 374 8.09 -11.67 0.36
CA GLN A 374 8.93 -10.74 1.10
C GLN A 374 9.33 -11.32 2.43
N ALA A 375 10.19 -10.55 3.09
CA ALA A 375 10.71 -10.90 4.40
C ALA A 375 9.73 -10.51 5.51
N ASN A 376 8.72 -9.71 5.16
CA ASN A 376 7.76 -9.21 6.14
C ASN A 376 6.45 -8.71 5.55
N GLN A 377 5.50 -8.43 6.43
CA GLN A 377 4.18 -7.91 6.00
C GLN A 377 4.25 -6.40 5.85
N ILE A 378 5.00 -5.75 6.75
CA ILE A 378 5.20 -4.31 6.68
C ILE A 378 6.64 -3.98 7.06
N TYR A 379 7.28 -3.20 6.20
CA TYR A 379 8.66 -2.77 6.38
C TYR A 379 8.77 -1.25 6.35
N ILE A 380 9.48 -0.68 7.32
CA ILE A 380 9.71 0.76 7.36
C ILE A 380 11.21 0.93 7.58
N SER A 381 11.88 1.64 6.67
CA SER A 381 13.33 1.81 6.79
C SER A 381 13.81 2.87 7.77
N GLY A 382 13.30 4.09 7.63
CA GLY A 382 13.74 5.20 8.45
C GLY A 382 13.09 5.42 9.79
N ALA A 383 13.45 6.54 10.42
CA ALA A 383 12.93 6.92 11.73
C ALA A 383 11.53 7.51 11.56
N CYS A 384 10.53 6.65 11.74
CA CYS A 384 9.14 7.04 11.57
C CYS A 384 8.28 6.78 12.79
N ARG A 385 7.07 7.33 12.76
CA ARG A 385 6.11 7.20 13.84
C ARG A 385 4.86 6.50 13.31
N VAL A 386 4.43 5.44 13.99
CA VAL A 386 3.22 4.72 13.61
C VAL A 386 2.27 4.80 14.79
N ASN A 387 1.10 5.39 14.57
CA ASN A 387 0.11 5.56 15.61
C ASN A 387 -1.16 4.82 15.18
N GLY A 388 -1.32 3.61 15.68
CA GLY A 388 -2.47 2.80 15.33
C GLY A 388 -2.09 1.87 14.19
N LEU A 389 -1.87 0.60 14.52
CA LEU A 389 -1.49 -0.41 13.54
C LEU A 389 -2.22 -1.73 13.80
N ARG A 390 -3.09 -2.12 12.87
CA ARG A 390 -3.83 -3.36 13.03
C ARG A 390 -3.17 -4.43 12.18
N LEU A 391 -2.84 -5.54 12.83
CA LEU A 391 -2.17 -6.65 12.17
C LEU A 391 -2.89 -7.98 12.41
N ILE A 392 -2.79 -8.86 11.42
CA ILE A 392 -3.32 -10.22 11.42
C ILE A 392 -4.82 -10.34 11.25
N GLY A 393 -5.20 -11.16 10.28
CA GLY A 393 -6.61 -11.41 10.04
C GLY A 393 -6.88 -12.82 10.54
N ILE A 394 -7.04 -13.75 9.61
CA ILE A 394 -7.34 -15.11 9.96
C ILE A 394 -6.24 -16.05 9.48
N ARG A 395 -5.18 -15.51 8.91
CA ARG A 395 -4.09 -16.37 8.45
C ARG A 395 -2.96 -16.41 9.47
N SER A 396 10.08 -15.27 9.00
CA SER A 396 9.40 -14.15 8.37
C SER A 396 8.76 -13.22 9.44
N LEU A 402 9.22 -11.97 9.49
CA LEU A 402 8.70 -11.00 10.45
C LEU A 402 7.38 -10.43 9.97
N THR A 403 6.56 -9.98 10.91
CA THR A 403 5.28 -9.38 10.58
C THR A 403 5.59 -7.91 10.27
N ILE A 404 6.24 -7.25 11.21
CA ILE A 404 6.65 -5.86 11.01
C ILE A 404 8.13 -5.73 11.34
N ASP A 405 8.84 -5.10 10.42
CA ASP A 405 10.25 -4.85 10.61
C ASP A 405 10.42 -3.35 10.32
N ALA A 406 10.49 -2.57 11.40
CA ALA A 406 10.64 -1.12 11.33
C ALA A 406 11.63 -0.80 12.44
N PRO A 407 12.90 -1.17 12.24
CA PRO A 407 14.03 -1.01 13.15
C PRO A 407 14.24 0.36 13.79
N ASN A 408 13.87 1.41 13.08
CA ASN A 408 14.10 2.77 13.56
C ASN A 408 12.83 3.51 13.91
N SER A 409 11.69 2.81 13.91
CA SER A 409 10.42 3.46 14.18
C SER A 409 9.87 3.22 15.57
N THR A 410 9.07 4.18 16.01
CA THR A 410 8.42 4.13 17.31
C THR A 410 6.96 3.89 17.01
N VAL A 411 6.39 2.88 17.67
CA VAL A 411 5.02 2.47 17.41
C VAL A 411 4.17 2.44 18.67
N SER A 412 2.87 2.68 18.49
CA SER A 412 1.90 2.66 19.58
C SER A 412 0.54 2.20 19.01
N GLY A 413 -0.22 1.46 19.81
CA GLY A 413 -1.54 1.05 19.36
C GLY A 413 -1.70 -0.11 18.38
N ILE A 414 -0.91 -1.17 18.53
CA ILE A 414 -1.05 -2.34 17.69
C ILE A 414 -2.24 -3.17 18.20
N THR A 415 -3.08 -3.64 17.29
CA THR A 415 -4.19 -4.52 17.68
C THR A 415 -4.11 -5.75 16.76
N GLY A 416 -4.55 -6.90 17.27
CA GLY A 416 -4.52 -8.11 16.49
C GLY A 416 -3.75 -9.24 17.16
N MET A 417 -3.96 -10.45 16.65
CA MET A 417 -3.35 -11.65 17.20
C MET A 417 -1.95 -11.84 16.64
N VAL A 418 -1.11 -10.84 16.84
CA VAL A 418 0.25 -10.86 16.34
C VAL A 418 1.15 -11.76 17.22
N ASP A 419 2.11 -12.43 16.59
CA ASP A 419 3.09 -13.26 17.31
C ASP A 419 4.16 -12.22 17.67
N PRO A 420 4.34 -11.94 18.98
CA PRO A 420 5.32 -10.95 19.46
C PRO A 420 6.76 -11.16 18.98
N SER A 421 7.14 -12.41 18.74
CA SER A 421 8.50 -12.71 18.28
C SER A 421 8.71 -12.22 16.84
N ARG A 422 7.62 -11.89 16.15
CA ARG A 422 7.70 -11.43 14.77
C ARG A 422 7.58 -9.91 14.65
N ILE A 423 7.77 -9.21 15.77
CA ILE A 423 7.73 -7.77 15.79
C ILE A 423 9.12 -7.22 16.05
N ASN A 424 9.55 -6.29 15.20
CA ASN A 424 10.84 -5.62 15.38
C ASN A 424 10.67 -4.11 15.18
N VAL A 425 10.74 -3.34 16.26
CA VAL A 425 10.59 -1.89 16.19
C VAL A 425 11.62 -1.29 17.13
N ALA A 426 11.83 0.02 17.04
CA ALA A 426 12.79 0.71 17.93
C ALA A 426 12.18 0.88 19.31
N ASN A 427 10.89 1.21 19.35
CA ASN A 427 10.21 1.43 20.61
C ASN A 427 8.72 1.20 20.43
N LEU A 428 8.11 0.51 21.38
CA LEU A 428 6.68 0.18 21.38
C LEU A 428 6.14 0.61 22.75
N ALA A 429 5.10 1.45 22.77
CA ALA A 429 4.57 1.92 24.06
C ALA A 429 3.14 2.40 24.05
N GLU A 430 2.47 2.22 25.20
CA GLU A 430 1.08 2.65 25.40
C GLU A 430 1.20 3.55 26.63
N GLU A 431 1.59 4.79 26.39
CA GLU A 431 1.80 5.79 27.44
C GLU A 431 0.55 6.31 28.12
N GLY A 432 -0.57 6.34 27.38
CA GLY A 432 -1.79 6.92 27.90
C GLY A 432 -3.03 6.09 28.09
N LEU A 433 -2.91 4.86 28.60
CA LEU A 433 -4.09 4.04 28.86
C LEU A 433 -4.66 4.43 30.21
N GLY A 434 -5.91 4.09 30.45
CA GLY A 434 -6.52 4.40 31.72
C GLY A 434 -6.39 3.19 32.63
N ASN A 435 -7.29 3.08 33.59
CA ASN A 435 -7.32 1.90 34.46
C ASN A 435 -7.61 0.72 33.50
N ILE A 436 -6.98 -0.41 33.77
CA ILE A 436 -7.07 -1.56 32.88
C ILE A 436 -7.67 -2.83 33.47
N ARG A 437 -8.37 -3.56 32.62
CA ARG A 437 -8.88 -4.87 33.01
C ARG A 437 -8.50 -5.88 31.91
N ALA A 438 -7.86 -6.98 32.32
CA ALA A 438 -7.49 -8.05 31.40
C ALA A 438 -8.58 -9.13 31.56
N ASN A 439 -9.36 -9.32 30.51
CA ASN A 439 -10.46 -10.29 30.49
C ASN A 439 -10.04 -11.54 29.76
N SER A 440 -10.04 -12.67 30.48
CA SER A 440 -9.67 -13.95 29.91
C SER A 440 -10.87 -14.86 29.62
N PHE A 441 -10.93 -15.35 28.38
CA PHE A 441 -12.01 -16.23 27.93
C PHE A 441 -11.44 -17.59 27.49
N GLY A 442 -12.14 -18.65 27.86
CA GLY A 442 -11.73 -19.99 27.48
C GLY A 442 -10.55 -20.60 28.23
N TYR A 443 -10.00 -19.90 29.21
CA TYR A 443 -8.88 -20.43 29.97
C TYR A 443 -9.19 -20.40 31.44
N ASP A 444 -8.39 -21.15 32.19
CA ASP A 444 -8.53 -21.21 33.64
C ASP A 444 -7.72 -20.09 34.32
N SER A 445 -7.11 -19.24 33.51
CA SER A 445 -6.31 -18.16 34.06
C SER A 445 -6.34 -16.93 33.18
N ALA A 446 -6.02 -15.79 33.79
CA ALA A 446 -5.92 -14.50 33.10
C ALA A 446 -4.46 -14.14 33.28
N ALA A 447 -3.88 -13.39 32.36
CA ALA A 447 -2.46 -13.07 32.47
C ALA A 447 -2.08 -11.75 31.87
N ILE A 448 -1.07 -11.15 32.49
CA ILE A 448 -0.49 -9.92 32.02
C ILE A 448 0.99 -10.31 31.99
N LYS A 449 1.50 -10.52 30.79
CA LYS A 449 2.88 -10.93 30.59
C LYS A 449 3.82 -9.79 30.20
N LEU A 450 5.10 -9.98 30.49
CA LEU A 450 6.14 -9.00 30.16
C LEU A 450 7.22 -9.71 29.35
N ARG A 451 7.69 -9.07 28.28
CA ARG A 451 8.71 -9.66 27.43
C ARG A 451 9.71 -8.57 27.06
N ILE A 452 10.97 -8.80 27.44
CA ILE A 452 12.06 -7.87 27.16
C ILE A 452 12.70 -8.48 25.91
N HIS A 453 12.49 -7.86 24.76
CA HIS A 453 13.01 -8.40 23.52
C HIS A 453 14.52 -8.47 23.45
N LYS A 454 15.19 -7.62 24.22
CA LYS A 454 16.65 -7.63 24.29
C LYS A 454 17.12 -8.94 24.95
N LEU A 455 16.31 -9.46 25.88
CA LEU A 455 16.64 -10.71 26.55
C LEU A 455 16.24 -11.92 25.69
N SER A 456 15.00 -11.90 25.19
CA SER A 456 14.45 -12.94 24.34
C SER A 456 13.20 -12.45 23.61
N LYS A 457 13.14 -12.75 22.32
CA LYS A 457 12.01 -12.35 21.52
C LYS A 457 10.94 -13.43 21.55
N THR A 458 11.28 -14.61 22.05
CA THR A 458 10.35 -15.74 22.07
C THR A 458 9.79 -16.16 23.43
N LEU A 459 10.44 -15.72 24.50
CA LEU A 459 10.03 -16.08 25.85
C LEU A 459 9.68 -14.88 26.71
N ASP A 460 8.60 -15.01 27.46
CA ASP A 460 8.20 -13.94 28.36
C ASP A 460 9.12 -13.99 29.57
N SER A 461 9.56 -12.83 30.02
CA SER A 461 10.49 -12.71 31.16
C SER A 461 9.83 -12.70 32.55
N GLY A 462 8.54 -12.37 32.58
CA GLY A 462 7.84 -12.33 33.86
C GLY A 462 6.35 -12.22 33.58
N ALA A 463 5.55 -12.42 34.62
CA ALA A 463 4.10 -12.34 34.46
C ALA A 463 3.33 -12.17 35.76
N LEU A 464 2.12 -11.65 35.62
CA LEU A 464 1.19 -11.51 36.72
C LEU A 464 -0.02 -12.37 36.25
N TYR A 465 -0.27 -13.48 36.92
CA TYR A 465 -1.38 -14.35 36.56
C TYR A 465 -2.43 -14.37 37.63
N SER A 466 -3.62 -14.84 37.24
CA SER A 466 -4.71 -15.06 38.16
C SER A 466 -5.18 -16.45 37.70
N HIS A 467 -5.17 -17.44 38.59
CA HIS A 467 -5.58 -18.81 38.23
C HIS A 467 -6.73 -19.30 39.08
N ILE A 468 -7.64 -20.07 38.46
CA ILE A 468 -8.78 -20.62 39.17
C ILE A 468 -8.36 -21.65 40.22
N ASN A 469 -8.96 -21.57 41.41
CA ASN A 469 -8.74 -22.54 42.50
C ASN A 469 -9.98 -23.44 42.46
N GLY A 470 -9.79 -24.71 42.18
CA GLY A 470 -10.93 -25.62 42.12
C GLY A 470 -11.52 -25.63 40.72
N GLY A 471 -12.68 -25.00 40.55
CA GLY A 471 -13.30 -24.96 39.24
C GLY A 471 -14.15 -23.72 39.07
N ALA A 472 -14.91 -23.69 37.96
CA ALA A 472 -15.79 -22.56 37.67
C ALA A 472 -16.77 -22.35 38.82
N GLY A 473 -17.03 -21.08 39.12
CA GLY A 473 -17.96 -20.75 40.20
C GLY A 473 -17.47 -21.04 41.61
N SER A 474 -16.18 -21.30 41.79
CA SER A 474 -15.65 -21.57 43.12
C SER A 474 -15.47 -20.27 43.92
N GLY A 475 -15.52 -19.14 43.23
CA GLY A 475 -15.34 -17.85 43.89
C GLY A 475 -13.94 -17.72 44.46
N SER A 476 -13.01 -18.52 43.97
CA SER A 476 -11.63 -18.49 44.47
C SER A 476 -10.59 -18.59 43.35
N ALA A 477 -9.49 -17.84 43.50
CA ALA A 477 -8.40 -17.84 42.54
C ALA A 477 -7.13 -17.45 43.28
N TYR A 478 -5.99 -17.72 42.67
CA TYR A 478 -4.73 -17.33 43.28
C TYR A 478 -3.96 -16.48 42.29
N THR A 479 -3.28 -15.49 42.82
CA THR A 479 -2.51 -14.57 42.03
C THR A 479 -1.05 -15.00 42.10
N GLN A 480 -0.35 -14.94 40.98
CA GLN A 480 1.02 -15.38 40.92
C GLN A 480 1.89 -14.39 40.17
N LEU A 481 3.02 -14.02 40.77
CA LEU A 481 3.98 -13.09 40.19
C LEU A 481 5.21 -13.94 39.85
N THR A 482 5.61 -13.97 38.58
CA THR A 482 6.71 -14.85 38.17
C THR A 482 7.92 -14.16 37.54
N ALA A 483 8.99 -14.94 37.39
CA ALA A 483 10.24 -14.49 36.77
C ALA A 483 10.89 -15.68 36.05
N ILE A 484 11.51 -15.39 34.91
CA ILE A 484 12.20 -16.42 34.13
C ILE A 484 13.60 -16.70 34.71
N SER A 485 14.00 -17.95 34.70
CA SER A 485 15.32 -18.34 35.18
C SER A 485 15.73 -19.53 34.34
N GLY A 486 16.98 -19.54 33.90
CA GLY A 486 17.48 -20.64 33.10
C GLY A 486 16.69 -20.85 31.83
N SER A 487 16.21 -19.74 31.24
CA SER A 487 15.42 -19.76 30.01
C SER A 487 14.10 -20.52 30.14
N THR A 488 13.64 -20.69 31.38
CA THR A 488 12.39 -21.39 31.63
C THR A 488 11.42 -20.33 32.16
N PRO A 489 10.46 -19.92 31.32
CA PRO A 489 9.51 -18.91 31.80
C PRO A 489 8.75 -19.36 33.06
N ASP A 490 8.45 -18.41 33.94
CA ASP A 490 7.72 -18.66 35.19
C ASP A 490 8.42 -19.62 36.15
N ALA A 491 9.73 -19.73 36.00
CA ALA A 491 10.55 -20.61 36.81
C ALA A 491 10.49 -20.30 38.32
N VAL A 492 10.41 -19.03 38.67
CA VAL A 492 10.39 -18.59 40.08
C VAL A 492 9.13 -17.76 40.30
N SER A 493 8.43 -17.96 41.42
CA SER A 493 7.22 -17.17 41.65
C SER A 493 6.72 -17.04 43.07
N LEU A 494 5.99 -15.94 43.30
CA LEU A 494 5.37 -15.64 44.58
C LEU A 494 3.86 -15.83 44.32
N LYS A 495 3.17 -16.56 45.19
CA LYS A 495 1.73 -16.79 44.99
C LYS A 495 0.97 -16.25 46.18
N VAL A 496 -0.27 -15.84 45.93
CA VAL A 496 -1.17 -15.34 46.95
C VAL A 496 -2.50 -16.12 46.79
N ASN A 497 -2.90 -16.85 47.84
CA ASN A 497 -4.15 -17.62 47.87
C ASN A 497 -4.17 -18.94 47.08
N HIS A 498 -3.03 -19.60 46.94
CA HIS A 498 -2.99 -20.87 46.22
C HIS A 498 -3.86 -21.86 47.03
N LYS A 499 -4.72 -22.61 46.35
CA LYS A 499 -5.64 -23.57 46.99
C LYS A 499 -6.51 -22.92 48.07
N ASP A 500 -6.82 -21.64 47.86
CA ASP A 500 -7.65 -20.85 48.77
C ASP A 500 -7.13 -20.84 50.23
N CYS A 501 -5.81 -21.00 50.39
CA CYS A 501 -5.20 -21.01 51.72
C CYS A 501 -5.13 -19.62 52.38
N ARG A 502 -5.33 -18.57 51.58
CA ARG A 502 -5.32 -17.19 52.07
C ARG A 502 -3.98 -16.68 52.58
N GLY A 503 -2.91 -17.33 52.14
CA GLY A 503 -1.58 -16.96 52.55
C GLY A 503 -0.66 -16.76 51.35
N ALA A 504 0.48 -16.13 51.58
CA ALA A 504 1.44 -15.91 50.50
C ALA A 504 2.54 -16.96 50.54
N GLU A 505 2.75 -17.62 49.40
CA GLU A 505 3.80 -18.63 49.27
C GLU A 505 4.99 -17.87 48.72
N ILE A 506 6.08 -17.85 49.49
CA ILE A 506 7.27 -17.09 49.16
C ILE A 506 8.49 -17.93 48.80
N PRO A 507 9.12 -17.66 47.63
CA PRO A 507 10.30 -18.41 47.21
C PRO A 507 11.58 -17.95 47.93
N PHE A 508 12.41 -18.91 48.34
CA PHE A 508 13.68 -18.58 49.00
C PHE A 508 14.87 -19.12 48.19
N VAL A 509 16.04 -18.51 48.37
CA VAL A 509 17.25 -18.95 47.68
C VAL A 509 17.50 -20.40 48.15
N PRO A 510 17.61 -21.36 47.22
CA PRO A 510 17.83 -22.77 47.55
C PRO A 510 19.14 -23.12 48.25
N ASP A 511 20.07 -22.17 48.34
CA ASP A 511 21.36 -22.42 48.96
C ASP A 511 21.80 -21.15 49.70
N ILE A 512 23.03 -21.16 50.20
CA ILE A 512 23.56 -20.01 50.89
C ILE A 512 23.56 -18.83 49.94
N ALA A 513 22.87 -17.77 50.33
CA ALA A 513 22.78 -16.56 49.53
C ALA A 513 24.07 -15.79 49.61
N SER A 514 24.57 -15.40 48.45
CA SER A 514 25.79 -14.62 48.35
C SER A 514 25.47 -13.17 48.75
N ASP A 515 26.46 -12.44 49.24
CA ASP A 515 26.28 -11.06 49.64
C ASP A 515 25.67 -10.18 48.55
N ASP A 516 26.08 -10.41 47.31
CA ASP A 516 25.59 -9.61 46.20
C ASP A 516 24.19 -9.92 45.70
N PHE A 517 23.52 -10.90 46.30
CA PHE A 517 22.16 -11.24 45.89
C PHE A 517 21.15 -10.19 46.31
N ILE A 518 21.36 -9.58 47.47
CA ILE A 518 20.43 -8.58 47.97
C ILE A 518 20.71 -7.22 47.30
N LYS A 519 19.64 -6.55 46.90
CA LYS A 519 19.74 -5.30 46.17
C LYS A 519 19.62 -4.04 47.03
N ASP A 520 18.50 -3.88 47.74
CA ASP A 520 18.23 -2.70 48.53
C ASP A 520 18.37 -2.79 50.04
N SER A 521 18.65 -1.64 50.66
CA SER A 521 18.77 -1.51 52.11
C SER A 521 17.38 -1.69 52.70
N SER A 522 17.33 -2.12 53.95
CA SER A 522 16.06 -2.32 54.63
C SER A 522 15.20 -3.40 53.94
N CYS A 523 15.86 -4.44 53.46
CA CYS A 523 15.21 -5.58 52.82
C CYS A 523 15.89 -6.85 53.32
N PHE A 524 15.18 -7.96 53.29
CA PHE A 524 15.78 -9.23 53.69
C PHE A 524 15.45 -10.25 52.62
N LEU A 525 16.35 -11.21 52.44
CA LEU A 525 16.23 -12.27 51.45
C LEU A 525 16.39 -13.63 52.12
N PRO A 526 15.29 -14.39 52.21
CA PRO A 526 15.39 -15.70 52.84
C PRO A 526 16.19 -16.69 52.01
N TYR A 527 16.97 -17.52 52.70
CA TYR A 527 17.76 -18.55 52.05
C TYR A 527 17.86 -19.84 52.87
N TRP A 528 18.10 -20.93 52.17
CA TRP A 528 18.16 -22.23 52.77
C TRP A 528 19.54 -22.61 53.29
N GLU A 529 19.56 -23.13 54.52
CA GLU A 529 20.79 -23.63 55.16
C GLU A 529 20.46 -25.10 55.39
N ASN A 530 20.81 -25.91 54.41
CA ASN A 530 20.53 -27.34 54.46
C ASN A 530 21.16 -28.09 55.65
N ASN A 531 22.40 -27.74 56.01
CA ASN A 531 23.10 -28.42 57.11
C ASN A 531 22.45 -28.29 58.49
N SER A 532 21.40 -27.50 58.60
CA SER A 532 20.74 -27.34 59.88
C SER A 532 19.23 -27.33 59.74
N THR A 533 18.74 -27.55 58.51
CA THR A 533 17.30 -27.54 58.23
C THR A 533 16.72 -26.22 58.74
N SER A 534 17.39 -25.14 58.35
CA SER A 534 16.95 -23.81 58.77
C SER A 534 16.84 -22.83 57.63
N LEU A 535 15.94 -21.87 57.80
CA LEU A 535 15.79 -20.78 56.86
C LEU A 535 16.55 -19.64 57.51
N LYS A 536 17.44 -19.02 56.76
CA LYS A 536 18.21 -17.90 57.27
C LYS A 536 17.73 -16.69 56.50
N ALA A 537 18.19 -15.52 56.87
CA ALA A 537 17.81 -14.31 56.17
C ALA A 537 19.01 -13.39 55.98
N LEU A 538 19.34 -13.10 54.72
CA LEU A 538 20.41 -12.17 54.43
C LEU A 538 19.68 -10.83 54.56
N VAL A 539 20.14 -10.01 55.49
CA VAL A 539 19.52 -8.71 55.78
C VAL A 539 20.43 -7.54 55.44
N LYS A 540 19.89 -6.58 54.70
CA LYS A 540 20.66 -5.38 54.42
C LYS A 540 19.98 -4.35 55.32
N LYS A 541 20.67 -4.01 56.40
CA LYS A 541 20.14 -3.05 57.38
C LYS A 541 19.85 -1.71 56.77
N PRO A 542 19.03 -0.88 57.44
CA PRO A 542 18.71 0.44 56.91
C PRO A 542 19.98 1.23 56.58
N ASN A 543 21.06 0.96 57.30
CA ASN A 543 22.33 1.66 57.08
C ASN A 543 23.19 1.05 55.99
N GLY A 544 22.69 0.01 55.35
CA GLY A 544 23.44 -0.62 54.27
C GLY A 544 24.32 -1.78 54.66
N GLU A 545 24.53 -1.99 55.95
CA GLU A 545 25.37 -3.10 56.37
C GLU A 545 24.62 -4.41 56.29
N LEU A 546 25.34 -5.48 55.94
CA LEU A 546 24.75 -6.80 55.82
C LEU A 546 24.89 -7.59 57.11
N VAL A 547 23.91 -8.42 57.40
CA VAL A 547 23.91 -9.29 58.57
C VAL A 547 23.08 -10.51 58.19
N ARG A 548 23.50 -11.68 58.68
CA ARG A 548 22.79 -12.91 58.40
C ARG A 548 22.11 -13.34 59.69
N LEU A 549 20.79 -13.50 59.61
CA LEU A 549 20.01 -13.87 60.76
C LEU A 549 19.32 -15.21 60.56
N THR A 550 18.86 -15.81 61.67
CA THR A 550 18.12 -17.04 61.61
C THR A 550 16.65 -16.63 61.51
N LEU A 551 15.99 -17.15 60.48
CA LEU A 551 14.61 -16.84 60.22
C LEU A 551 13.62 -17.91 60.70
N ALA A 552 13.89 -19.17 60.39
CA ALA A 552 13.00 -20.24 60.82
C ALA A 552 13.80 -21.50 61.14
N THR A 553 13.37 -22.22 62.18
CA THR A 553 14.06 -23.44 62.62
C THR A 553 13.09 -24.51 63.07
N LEU A 554 13.61 -25.72 63.25
CA LEU A 554 12.82 -26.85 63.74
C LEU A 554 12.50 -26.59 65.22
#